data_6UIF
#
_entry.id   6UIF
#
_cell.length_a   46.825
_cell.length_b   56.846
_cell.length_c   64.786
_cell.angle_alpha   107.930
_cell.angle_beta   91.210
_cell.angle_gamma   114.290
#
_symmetry.space_group_name_H-M   'P 1'
#
loop_
_entity.id
_entity.type
_entity.pdbx_description
1 polymer 'WD repeat domain 5'
2 non-polymer 4-{[(5-bromo-3-chloro-2-hydroxyphenyl)sulfonyl]amino}-1-cyclopentyl-N-methyl-1H-imidazole-2-carboxamide
3 water water
#
_entity_poly.entity_id   1
_entity_poly.type   'polypeptide(L)'
_entity_poly.pdbx_seq_one_letter_code
;VKPNYALKFTLAGHTKAVSSVKFSPNGEWLASSSADKLIKIWGAYDGKFEKTISGHKLGISDVAWSSDSNLLVSASDDKT
LKIWDVSSGKCLKTLKGHSNYVFCCNFNPQSNLIVSGSFDESVRIWDVKTGKCLKTLPAHSDPVSAVHFNRDGSLIVSSS
YDGLCRIWDTASGQCLKTLIDDDNPPVSFVKFSPNGKYILAATLDNTLKLWDYSKGKCLKTYTGHKNEKYCIFANFSVTG
GKWIVSGSEDNLVYIWNLQTKEIVQKLQGHTDVVISTACHPTENIIASAALENDKTIKLWKSDC
;
_entity_poly.pdbx_strand_id   A,B
#
# COMPACT_ATOMS: atom_id res chain seq x y z
N LYS A 2 20.77 19.18 10.92
CA LYS A 2 20.92 18.04 11.83
C LYS A 2 19.70 17.93 12.74
N PRO A 3 19.29 16.72 13.08
CA PRO A 3 18.20 16.53 14.03
C PRO A 3 18.65 16.85 15.45
N ASN A 4 17.68 16.92 16.36
CA ASN A 4 17.94 17.25 17.76
C ASN A 4 17.16 16.31 18.68
N TYR A 5 17.30 15.02 18.45
CA TYR A 5 16.61 14.02 19.26
C TYR A 5 16.99 14.16 20.73
N ALA A 6 15.99 14.20 21.60
CA ALA A 6 16.18 14.32 23.03
C ALA A 6 15.34 13.26 23.73
N LEU A 7 15.87 12.75 24.85
CA LEU A 7 15.20 11.68 25.58
C LEU A 7 13.93 12.20 26.23
N LYS A 8 12.83 11.46 26.06
CA LYS A 8 11.57 11.80 26.69
C LYS A 8 11.07 10.78 27.69
N PHE A 9 11.32 9.48 27.46
CA PHE A 9 10.84 8.43 28.35
C PHE A 9 11.83 7.27 28.34
N THR A 10 12.01 6.63 29.50
CA THR A 10 12.68 5.35 29.59
C THR A 10 11.68 4.30 30.09
N LEU A 11 11.59 3.18 29.37
CA LEU A 11 10.58 2.15 29.60
C LEU A 11 11.26 0.90 30.14
N ALA A 12 11.03 0.61 31.42
CA ALA A 12 11.58 -0.58 32.04
C ALA A 12 10.49 -1.63 32.25
N GLY A 13 10.90 -2.89 32.25
CA GLY A 13 9.96 -3.97 32.46
C GLY A 13 10.49 -5.32 32.03
N HIS A 14 11.23 -5.38 30.93
CA HIS A 14 11.80 -6.65 30.51
C HIS A 14 12.85 -7.07 31.52
N THR A 15 12.98 -8.40 31.70
CA THR A 15 13.89 -8.95 32.71
C THR A 15 15.12 -9.61 32.11
N LYS A 16 15.23 -9.65 30.79
CA LYS A 16 16.44 -10.02 30.07
C LYS A 16 16.67 -9.00 28.96
N ALA A 17 17.76 -9.17 28.21
CA ALA A 17 18.03 -8.27 27.10
C ALA A 17 16.80 -8.10 26.20
N VAL A 18 16.55 -6.87 25.77
CA VAL A 18 15.55 -6.64 24.75
C VAL A 18 16.16 -7.02 23.41
N SER A 19 15.34 -7.48 22.46
CA SER A 19 15.83 -7.92 21.17
C SER A 19 15.32 -7.10 19.99
N SER A 20 14.13 -6.53 20.08
N SER A 20 14.13 -6.53 20.08
CA SER A 20 13.54 -5.83 18.95
CA SER A 20 13.55 -5.83 18.93
C SER A 20 12.49 -4.87 19.46
C SER A 20 12.47 -4.89 19.43
N VAL A 21 12.42 -3.69 18.84
CA VAL A 21 11.32 -2.74 19.05
C VAL A 21 10.74 -2.37 17.69
N LYS A 22 9.41 -2.23 17.62
CA LYS A 22 8.72 -1.86 16.38
C LYS A 22 7.51 -0.99 16.68
N PHE A 23 7.39 0.15 16.00
CA PHE A 23 6.16 0.95 16.08
C PHE A 23 5.05 0.35 15.23
N SER A 24 3.81 0.40 15.74
CA SER A 24 2.68 -0.07 14.95
C SER A 24 2.47 0.87 13.76
N PRO A 25 1.98 0.36 12.63
CA PRO A 25 1.78 1.21 11.45
C PRO A 25 0.82 2.35 11.68
N ASN A 26 -0.13 2.22 12.60
CA ASN A 26 -1.03 3.32 12.90
C ASN A 26 -0.42 4.32 13.88
N GLY A 27 0.81 4.09 14.34
CA GLY A 27 1.51 5.04 15.17
C GLY A 27 1.15 5.01 16.64
N GLU A 28 0.21 4.17 17.06
CA GLU A 28 -0.29 4.26 18.42
C GLU A 28 0.59 3.52 19.42
N TRP A 29 1.25 2.45 18.99
CA TRP A 29 1.89 1.52 19.91
C TRP A 29 3.35 1.29 19.53
N LEU A 30 4.12 0.92 20.54
CA LEU A 30 5.42 0.30 20.37
C LEU A 30 5.35 -1.12 20.92
N ALA A 31 5.78 -2.09 20.11
CA ALA A 31 5.97 -3.46 20.58
C ALA A 31 7.44 -3.74 20.82
N SER A 32 7.73 -4.44 21.91
CA SER A 32 9.08 -4.92 22.20
C SER A 32 9.09 -6.42 22.40
N SER A 33 10.19 -7.07 22.02
CA SER A 33 10.39 -8.50 22.27
C SER A 33 11.67 -8.66 23.07
N SER A 34 11.77 -9.77 23.82
CA SER A 34 12.93 -9.93 24.69
C SER A 34 13.35 -11.39 24.83
N ALA A 35 14.59 -11.58 25.25
CA ALA A 35 15.07 -12.90 25.65
C ALA A 35 14.32 -13.46 26.85
N ASP A 36 13.52 -12.64 27.54
CA ASP A 36 12.71 -13.08 28.67
C ASP A 36 11.40 -13.75 28.24
N LYS A 37 11.27 -14.08 26.94
CA LYS A 37 10.17 -14.83 26.32
C LYS A 37 8.93 -13.98 26.14
N LEU A 38 9.00 -12.67 26.39
CA LEU A 38 7.81 -11.84 26.42
C LEU A 38 7.83 -10.79 25.31
N ILE A 39 6.61 -10.41 24.91
CA ILE A 39 6.34 -9.24 24.11
C ILE A 39 5.66 -8.22 25.00
N LYS A 40 6.06 -6.97 24.91
CA LYS A 40 5.35 -5.93 25.66
C LYS A 40 4.87 -4.84 24.71
N ILE A 41 3.70 -4.28 25.04
CA ILE A 41 3.06 -3.21 24.27
C ILE A 41 3.06 -1.96 25.13
N TRP A 42 3.46 -0.84 24.52
CA TRP A 42 3.64 0.45 25.17
C TRP A 42 2.99 1.53 24.31
N GLY A 43 2.48 2.58 24.95
CA GLY A 43 1.99 3.72 24.20
C GLY A 43 3.14 4.42 23.48
N ALA A 44 2.96 4.66 22.18
CA ALA A 44 4.05 5.20 21.37
C ALA A 44 4.43 6.63 21.76
N TYR A 45 3.51 7.39 22.34
CA TYR A 45 3.73 8.82 22.55
C TYR A 45 4.16 9.17 23.96
N ASP A 46 3.65 8.46 24.97
CA ASP A 46 4.03 8.71 26.36
C ASP A 46 4.71 7.52 27.02
N GLY A 47 4.94 6.43 26.28
CA GLY A 47 5.64 5.29 26.83
C GLY A 47 4.90 4.51 27.89
N LYS A 48 3.60 4.76 28.06
CA LYS A 48 2.84 4.10 29.10
C LYS A 48 2.68 2.62 28.76
N PHE A 49 2.98 1.77 29.73
CA PHE A 49 2.86 0.34 29.54
C PHE A 49 1.40 -0.05 29.30
N GLU A 50 1.17 -0.84 28.27
CA GLU A 50 -0.17 -1.28 27.91
C GLU A 50 -0.43 -2.74 28.26
N LYS A 51 0.45 -3.66 27.85
CA LYS A 51 0.18 -5.07 28.20
C LYS A 51 1.40 -5.94 27.91
N THR A 52 1.39 -7.13 28.54
CA THR A 52 2.38 -8.17 28.29
C THR A 52 1.72 -9.32 27.56
N ILE A 53 2.38 -9.80 26.51
CA ILE A 53 1.89 -10.92 25.72
C ILE A 53 2.88 -12.08 25.86
N SER A 54 2.38 -13.23 26.30
CA SER A 54 3.21 -14.37 26.67
C SER A 54 2.69 -15.65 26.02
N GLY A 55 3.59 -16.62 25.89
CA GLY A 55 3.28 -17.90 25.28
C GLY A 55 4.48 -18.67 24.75
N HIS A 56 5.48 -17.95 24.24
CA HIS A 56 6.67 -18.62 23.73
C HIS A 56 7.39 -19.34 24.86
N LYS A 57 8.03 -20.47 24.52
CA LYS A 57 8.73 -21.27 25.50
C LYS A 57 10.18 -20.85 25.70
N LEU A 58 10.72 -20.10 24.74
CA LEU A 58 12.08 -19.60 24.83
C LEU A 58 12.09 -18.16 24.35
N GLY A 59 13.26 -17.55 24.37
CA GLY A 59 13.36 -16.13 24.06
C GLY A 59 12.94 -15.82 22.63
N ILE A 60 12.66 -14.54 22.42
CA ILE A 60 12.16 -14.01 21.15
C ILE A 60 13.21 -13.09 20.54
N SER A 61 13.48 -13.25 19.25
CA SER A 61 14.44 -12.42 18.54
C SER A 61 13.83 -11.24 17.79
N ASP A 62 12.54 -11.32 17.44
CA ASP A 62 11.95 -10.35 16.52
C ASP A 62 10.46 -10.36 16.70
N VAL A 63 9.85 -9.20 16.44
CA VAL A 63 8.39 -9.06 16.35
C VAL A 63 8.10 -8.13 15.18
N ALA A 64 6.88 -8.26 14.63
CA ALA A 64 6.48 -7.44 13.50
C ALA A 64 4.98 -7.29 13.49
N TRP A 65 4.51 -6.13 13.02
CA TRP A 65 3.10 -5.77 12.96
C TRP A 65 2.47 -6.04 11.59
N SER A 66 1.20 -6.44 11.61
CA SER A 66 0.41 -6.39 10.38
C SER A 66 0.12 -4.93 10.03
N SER A 67 -0.26 -4.73 8.76
CA SER A 67 -0.46 -3.37 8.28
C SER A 67 -1.64 -2.68 8.96
N ASP A 68 -2.64 -3.44 9.44
CA ASP A 68 -3.76 -2.83 10.13
C ASP A 68 -3.52 -2.68 11.64
N SER A 69 -2.29 -2.95 12.11
CA SER A 69 -1.87 -2.83 13.49
C SER A 69 -2.63 -3.76 14.44
N ASN A 70 -3.37 -4.73 13.90
CA ASN A 70 -4.17 -5.62 14.73
C ASN A 70 -3.48 -6.93 15.10
N LEU A 71 -2.46 -7.33 14.35
CA LEU A 71 -1.76 -8.59 14.58
C LEU A 71 -0.28 -8.31 14.82
N LEU A 72 0.33 -9.17 15.62
CA LEU A 72 1.78 -9.22 15.72
C LEU A 72 2.24 -10.63 15.37
N VAL A 73 3.44 -10.75 14.83
CA VAL A 73 4.07 -12.05 14.66
C VAL A 73 5.42 -12.00 15.37
N SER A 74 5.77 -13.10 16.04
CA SER A 74 7.02 -13.16 16.79
C SER A 74 7.81 -14.39 16.37
N ALA A 75 9.15 -14.24 16.37
CA ALA A 75 10.09 -15.29 15.99
C ALA A 75 10.89 -15.72 17.22
N SER A 76 10.86 -17.02 17.56
CA SER A 76 11.40 -17.46 18.84
C SER A 76 12.46 -18.54 18.70
N ASP A 77 13.30 -18.63 19.73
CA ASP A 77 14.25 -19.73 19.84
C ASP A 77 13.56 -21.08 20.04
N ASP A 78 12.28 -21.09 20.40
CA ASP A 78 11.54 -22.34 20.53
C ASP A 78 11.19 -22.95 19.17
N LYS A 79 11.74 -22.38 18.10
CA LYS A 79 11.66 -22.84 16.72
C LYS A 79 10.32 -22.50 16.08
N THR A 80 9.47 -21.73 16.75
CA THR A 80 8.18 -21.36 16.18
C THR A 80 8.10 -19.86 15.95
N LEU A 81 7.14 -19.50 15.11
CA LEU A 81 6.60 -18.14 15.13
C LEU A 81 5.21 -18.21 15.73
N LYS A 82 4.78 -17.11 16.31
CA LYS A 82 3.40 -17.05 16.80
C LYS A 82 2.75 -15.79 16.24
N ILE A 83 1.50 -15.96 15.80
CA ILE A 83 0.64 -14.84 15.40
C ILE A 83 -0.28 -14.54 16.56
N TRP A 84 -0.33 -13.25 16.97
CA TRP A 84 -1.06 -12.76 18.12
C TRP A 84 -2.09 -11.72 17.72
N ASP A 85 -3.27 -11.82 18.32
CA ASP A 85 -4.24 -10.74 18.29
C ASP A 85 -3.85 -9.72 19.37
N VAL A 86 -3.50 -8.51 18.94
CA VAL A 86 -2.94 -7.55 19.89
C VAL A 86 -3.97 -7.12 20.93
N SER A 87 -5.21 -6.92 20.51
CA SER A 87 -6.25 -6.43 21.43
C SER A 87 -6.53 -7.42 22.56
N SER A 88 -6.52 -8.73 22.26
CA SER A 88 -6.80 -9.72 23.29
C SER A 88 -5.54 -10.33 23.90
N GLY A 89 -4.40 -10.18 23.26
CA GLY A 89 -3.19 -10.85 23.69
C GLY A 89 -3.16 -12.34 23.44
N LYS A 90 -4.14 -12.88 22.72
CA LYS A 90 -4.25 -14.32 22.53
C LYS A 90 -3.41 -14.77 21.34
N CYS A 91 -2.81 -15.94 21.47
CA CYS A 91 -2.08 -16.54 20.35
C CYS A 91 -3.09 -17.13 19.36
N LEU A 92 -3.12 -16.55 18.15
CA LEU A 92 -4.02 -17.05 17.11
C LEU A 92 -3.45 -18.27 16.41
N LYS A 93 -2.16 -18.25 16.10
CA LYS A 93 -1.57 -19.37 15.38
C LYS A 93 -0.15 -19.59 15.85
N THR A 94 0.28 -20.85 15.84
CA THR A 94 1.68 -21.19 16.03
C THR A 94 2.20 -21.79 14.73
N LEU A 95 3.23 -21.15 14.17
CA LEU A 95 3.81 -21.51 12.88
C LEU A 95 5.01 -22.43 13.15
N LYS A 96 4.84 -23.69 12.76
CA LYS A 96 5.81 -24.76 13.02
C LYS A 96 6.36 -25.27 11.70
N GLY A 97 7.68 -25.50 11.67
CA GLY A 97 8.32 -25.93 10.45
C GLY A 97 9.82 -25.78 10.52
N HIS A 98 10.29 -24.66 11.07
CA HIS A 98 11.74 -24.48 11.20
C HIS A 98 12.32 -25.52 12.14
N SER A 99 13.57 -25.88 11.89
CA SER A 99 14.24 -26.89 12.70
C SER A 99 15.25 -26.30 13.66
N ASN A 100 15.38 -24.97 13.69
CA ASN A 100 16.21 -24.31 14.69
C ASN A 100 15.62 -22.95 14.98
N TYR A 101 16.36 -22.13 15.75
CA TYR A 101 15.86 -20.83 16.21
C TYR A 101 15.32 -20.02 15.04
N VAL A 102 14.16 -19.39 15.23
CA VAL A 102 13.69 -18.40 14.27
C VAL A 102 14.22 -17.03 14.69
N PHE A 103 14.96 -16.39 13.79
CA PHE A 103 15.70 -15.16 14.09
C PHE A 103 15.01 -13.89 13.62
N CYS A 104 14.14 -13.97 12.62
CA CYS A 104 13.62 -12.76 12.01
C CYS A 104 12.29 -13.04 11.33
N CYS A 105 11.46 -12.00 11.23
CA CYS A 105 10.14 -12.16 10.65
C CYS A 105 9.56 -10.83 10.19
N ASN A 106 8.57 -10.92 9.30
CA ASN A 106 7.87 -9.75 8.79
C ASN A 106 6.59 -10.19 8.11
N PHE A 107 5.59 -9.30 8.16
CA PHE A 107 4.42 -9.42 7.31
C PHE A 107 4.72 -8.79 5.94
N ASN A 108 4.01 -9.24 4.92
CA ASN A 108 4.01 -8.46 3.69
C ASN A 108 3.06 -7.29 3.89
N PRO A 109 3.12 -6.27 3.02
CA PRO A 109 2.19 -5.14 3.17
C PRO A 109 0.75 -5.57 3.17
N GLN A 110 0.37 -6.51 2.30
CA GLN A 110 -0.99 -7.02 2.29
C GLN A 110 -1.35 -7.72 3.59
N SER A 111 -0.33 -8.24 4.30
CA SER A 111 -0.44 -8.92 5.59
C SER A 111 -1.18 -10.25 5.51
N ASN A 112 -1.28 -10.83 4.30
CA ASN A 112 -1.76 -12.19 4.18
C ASN A 112 -0.64 -13.22 4.26
N LEU A 113 0.63 -12.77 4.22
CA LEU A 113 1.80 -13.63 4.31
C LEU A 113 2.71 -13.18 5.42
N ILE A 114 3.47 -14.13 5.96
CA ILE A 114 4.59 -13.85 6.86
C ILE A 114 5.81 -14.52 6.26
N VAL A 115 6.94 -13.82 6.28
CA VAL A 115 8.25 -14.38 5.93
C VAL A 115 9.07 -14.53 7.21
N SER A 116 9.83 -15.63 7.30
CA SER A 116 10.69 -15.89 8.45
C SER A 116 12.06 -16.36 7.97
N GLY A 117 13.07 -16.10 8.81
CA GLY A 117 14.39 -16.65 8.59
C GLY A 117 14.91 -17.29 9.86
N SER A 118 15.74 -18.33 9.70
CA SER A 118 16.09 -19.16 10.85
C SER A 118 17.58 -19.52 10.83
N PHE A 119 18.08 -19.87 12.03
CA PHE A 119 19.35 -20.57 12.17
C PHE A 119 19.44 -21.81 11.28
N ASP A 120 18.31 -22.40 10.89
CA ASP A 120 18.33 -23.60 10.06
C ASP A 120 18.67 -23.31 8.61
N GLU A 121 18.96 -22.04 8.27
CA GLU A 121 19.47 -21.55 6.98
C GLU A 121 18.39 -21.40 5.94
N SER A 122 17.13 -21.59 6.30
CA SER A 122 16.01 -21.49 5.38
C SER A 122 15.22 -20.20 5.59
N VAL A 123 14.51 -19.82 4.54
CA VAL A 123 13.49 -18.77 4.61
C VAL A 123 12.14 -19.44 4.39
N ARG A 124 11.17 -19.16 5.24
CA ARG A 124 9.86 -19.74 5.03
C ARG A 124 8.82 -18.66 4.79
N ILE A 125 7.86 -18.97 3.92
CA ILE A 125 6.71 -18.10 3.65
C ILE A 125 5.46 -18.83 4.10
N TRP A 126 4.64 -18.13 4.90
CA TRP A 126 3.54 -18.68 5.67
C TRP A 126 2.23 -17.95 5.34
N ASP A 127 1.15 -18.70 5.31
CA ASP A 127 -0.18 -18.14 5.15
C ASP A 127 -0.71 -17.69 6.50
N VAL A 128 -1.04 -16.39 6.62
CA VAL A 128 -1.47 -15.84 7.90
C VAL A 128 -2.81 -16.44 8.34
N LYS A 129 -3.75 -16.62 7.40
CA LYS A 129 -5.10 -17.04 7.75
C LYS A 129 -5.14 -18.46 8.30
N THR A 130 -4.39 -19.38 7.68
CA THR A 130 -4.38 -20.78 8.11
C THR A 130 -3.17 -21.14 8.97
N GLY A 131 -2.12 -20.35 8.96
CA GLY A 131 -0.90 -20.70 9.66
C GLY A 131 -0.05 -21.76 8.98
N LYS A 132 -0.40 -22.16 7.76
CA LYS A 132 0.33 -23.21 7.06
C LYS A 132 1.57 -22.66 6.36
N CYS A 133 2.63 -23.45 6.32
CA CYS A 133 3.82 -23.01 5.60
C CYS A 133 3.60 -23.23 4.11
N LEU A 134 3.73 -22.17 3.32
CA LEU A 134 3.47 -22.23 1.88
C LEU A 134 4.72 -22.58 1.10
N LYS A 135 5.86 -22.04 1.48
CA LYS A 135 7.12 -22.32 0.79
C LYS A 135 8.26 -22.39 1.78
N THR A 136 9.21 -23.30 1.54
CA THR A 136 10.50 -23.31 2.22
C THR A 136 11.58 -23.06 1.18
N LEU A 137 12.27 -21.93 1.31
CA LEU A 137 13.33 -21.52 0.41
C LEU A 137 14.66 -21.97 0.98
N PRO A 138 15.45 -22.73 0.22
CA PRO A 138 16.81 -23.09 0.62
C PRO A 138 17.73 -21.89 0.41
N ALA A 139 17.54 -20.90 1.26
CA ALA A 139 17.95 -19.55 0.94
C ALA A 139 19.44 -19.30 1.14
N HIS A 140 20.04 -19.92 2.16
CA HIS A 140 21.37 -19.55 2.59
C HIS A 140 22.12 -20.78 3.09
N SER A 141 23.42 -20.60 3.33
CA SER A 141 24.26 -21.69 3.82
C SER A 141 24.79 -21.41 5.22
N ASP A 142 24.07 -20.58 5.98
CA ASP A 142 24.40 -20.17 7.34
C ASP A 142 23.15 -19.48 7.89
N PRO A 143 23.09 -19.16 9.19
CA PRO A 143 21.86 -18.58 9.73
C PRO A 143 21.39 -17.34 8.97
N VAL A 144 20.07 -17.20 8.85
CA VAL A 144 19.44 -16.07 8.17
C VAL A 144 19.16 -14.96 9.18
N SER A 145 19.73 -13.77 8.94
CA SER A 145 19.70 -12.71 9.94
C SER A 145 18.55 -11.74 9.76
N ALA A 146 18.05 -11.57 8.54
CA ALA A 146 16.93 -10.67 8.31
C ALA A 146 16.14 -11.10 7.08
N VAL A 147 14.85 -10.76 7.09
CA VAL A 147 13.93 -10.97 5.95
C VAL A 147 12.96 -9.79 5.89
N HIS A 148 12.65 -9.32 4.68
CA HIS A 148 11.85 -8.12 4.52
C HIS A 148 11.16 -8.14 3.16
N PHE A 149 9.88 -7.74 3.13
CA PHE A 149 9.16 -7.60 1.87
C PHE A 149 9.31 -6.17 1.33
N ASN A 150 9.25 -6.04 0.00
CA ASN A 150 9.27 -4.71 -0.55
C ASN A 150 7.89 -4.08 -0.48
N ARG A 151 7.79 -2.85 -1.00
CA ARG A 151 6.62 -2.00 -0.74
C ARG A 151 5.34 -2.57 -1.33
N ASP A 152 5.41 -3.31 -2.44
CA ASP A 152 4.20 -3.92 -2.96
C ASP A 152 4.09 -5.40 -2.64
N GLY A 153 5.06 -5.97 -1.91
CA GLY A 153 5.00 -7.36 -1.51
C GLY A 153 5.50 -8.37 -2.53
N SER A 154 5.88 -7.93 -3.73
CA SER A 154 6.25 -8.88 -4.77
C SER A 154 7.65 -9.45 -4.60
N LEU A 155 8.48 -8.84 -3.75
CA LEU A 155 9.85 -9.28 -3.54
C LEU A 155 10.13 -9.47 -2.06
N ILE A 156 11.08 -10.36 -1.77
CA ILE A 156 11.65 -10.56 -0.44
C ILE A 156 13.15 -10.35 -0.55
N VAL A 157 13.73 -9.70 0.45
CA VAL A 157 15.18 -9.67 0.59
C VAL A 157 15.56 -10.42 1.86
N SER A 158 16.64 -11.21 1.76
CA SER A 158 17.13 -11.96 2.90
C SER A 158 18.63 -11.72 3.03
N SER A 159 19.12 -11.77 4.27
CA SER A 159 20.55 -11.67 4.53
C SER A 159 20.99 -12.84 5.40
N SER A 160 22.28 -13.15 5.38
CA SER A 160 22.75 -14.28 6.16
C SER A 160 24.20 -14.10 6.55
N TYR A 161 24.58 -14.80 7.64
CA TYR A 161 25.97 -14.92 8.03
C TYR A 161 26.85 -15.52 6.94
N ASP A 162 26.25 -16.13 5.91
CA ASP A 162 27.04 -16.67 4.80
C ASP A 162 27.62 -15.58 3.92
N GLY A 163 27.31 -14.30 4.18
CA GLY A 163 27.86 -13.18 3.45
C GLY A 163 27.02 -12.68 2.29
N LEU A 164 25.89 -13.30 2.02
CA LEU A 164 25.06 -12.97 0.87
C LEU A 164 23.85 -12.13 1.26
N CYS A 165 23.43 -11.29 0.32
CA CYS A 165 22.05 -10.84 0.29
C CYS A 165 21.36 -11.45 -0.92
N ARG A 166 20.10 -11.89 -0.76
CA ARG A 166 19.37 -12.43 -1.89
C ARG A 166 17.99 -11.78 -2.03
N ILE A 167 17.59 -11.59 -3.28
CA ILE A 167 16.28 -11.07 -3.65
C ILE A 167 15.50 -12.22 -4.27
N TRP A 168 14.27 -12.44 -3.75
CA TRP A 168 13.39 -13.55 -4.08
C TRP A 168 12.09 -13.01 -4.64
N ASP A 169 11.58 -13.69 -5.65
CA ASP A 169 10.21 -13.44 -6.12
C ASP A 169 9.23 -14.10 -5.16
N THR A 170 8.34 -13.31 -4.57
CA THR A 170 7.45 -13.84 -3.54
C THR A 170 6.60 -14.98 -4.08
N ALA A 171 6.00 -14.78 -5.25
CA ALA A 171 5.01 -15.72 -5.75
C ALA A 171 5.64 -17.05 -6.14
N SER A 172 6.80 -17.02 -6.79
CA SER A 172 7.41 -18.26 -7.25
C SER A 172 8.43 -18.84 -6.29
N GLY A 173 8.91 -18.05 -5.34
CA GLY A 173 10.01 -18.47 -4.51
C GLY A 173 11.36 -18.49 -5.19
N GLN A 174 11.46 -18.06 -6.44
CA GLN A 174 12.73 -18.13 -7.15
C GLN A 174 13.66 -17.00 -6.73
N CYS A 175 14.97 -17.29 -6.67
CA CYS A 175 15.95 -16.27 -6.34
C CYS A 175 16.22 -15.44 -7.60
N LEU A 176 15.94 -14.15 -7.52
CA LEU A 176 16.16 -13.27 -8.66
C LEU A 176 17.55 -12.66 -8.65
N LYS A 177 18.13 -12.44 -7.48
CA LYS A 177 19.45 -11.82 -7.48
C LYS A 177 20.24 -12.22 -6.24
N THR A 178 21.54 -12.44 -6.41
CA THR A 178 22.46 -12.65 -5.29
C THR A 178 23.52 -11.56 -5.32
N LEU A 179 23.68 -10.85 -4.19
CA LEU A 179 24.71 -9.85 -4.03
C LEU A 179 25.81 -10.42 -3.15
N ILE A 180 27.02 -10.48 -3.73
CA ILE A 180 28.18 -11.15 -3.19
C ILE A 180 29.41 -10.26 -3.40
N ASP A 183 34.97 -9.30 -0.85
CA ASP A 183 34.94 -9.94 0.46
C ASP A 183 33.51 -10.29 0.85
N ASN A 184 33.34 -11.15 1.85
CA ASN A 184 32.03 -11.68 2.22
C ASN A 184 31.83 -11.71 3.73
N PRO A 185 31.95 -10.56 4.41
CA PRO A 185 31.68 -10.55 5.84
C PRO A 185 30.24 -10.89 6.10
N PRO A 186 29.92 -11.50 7.25
CA PRO A 186 28.53 -11.85 7.57
C PRO A 186 27.62 -10.66 7.42
N VAL A 187 26.46 -10.89 6.81
CA VAL A 187 25.42 -9.87 6.71
C VAL A 187 24.46 -10.05 7.88
N SER A 188 24.39 -9.04 8.75
CA SER A 188 23.65 -9.09 10.00
C SER A 188 22.26 -8.47 9.90
N PHE A 189 21.96 -7.76 8.82
CA PHE A 189 20.67 -7.10 8.67
C PHE A 189 20.52 -6.62 7.23
N VAL A 190 19.28 -6.60 6.75
CA VAL A 190 18.98 -6.01 5.45
C VAL A 190 17.52 -5.61 5.43
N LYS A 191 17.19 -4.57 4.67
CA LYS A 191 15.80 -4.24 4.40
C LYS A 191 15.73 -3.40 3.12
N PHE A 192 14.56 -3.39 2.50
CA PHE A 192 14.33 -2.53 1.35
C PHE A 192 14.24 -1.07 1.77
N SER A 193 14.63 -0.19 0.85
CA SER A 193 14.50 1.24 1.05
C SER A 193 13.03 1.65 0.87
N PRO A 194 12.66 2.83 1.38
CA PRO A 194 11.26 3.28 1.22
C PRO A 194 10.76 3.29 -0.22
N ASN A 195 11.61 3.63 -1.18
CA ASN A 195 11.20 3.68 -2.59
C ASN A 195 11.39 2.35 -3.31
N GLY A 196 11.81 1.30 -2.60
CA GLY A 196 11.88 -0.04 -3.14
C GLY A 196 13.04 -0.30 -4.07
N LYS A 197 13.82 0.72 -4.43
CA LYS A 197 14.88 0.56 -5.42
C LYS A 197 16.21 0.12 -4.82
N TYR A 198 16.39 0.29 -3.51
CA TYR A 198 17.64 0.00 -2.83
C TYR A 198 17.42 -0.98 -1.70
N ILE A 199 18.51 -1.58 -1.24
CA ILE A 199 18.50 -2.31 0.02
C ILE A 199 19.60 -1.74 0.91
N LEU A 200 19.30 -1.67 2.20
CA LEU A 200 20.28 -1.26 3.21
C LEU A 200 20.75 -2.52 3.93
N ALA A 201 22.07 -2.76 3.90
CA ALA A 201 22.62 -3.98 4.47
C ALA A 201 23.67 -3.64 5.52
N ALA A 202 23.56 -4.28 6.69
CA ALA A 202 24.57 -4.17 7.73
C ALA A 202 25.49 -5.38 7.64
N THR A 203 26.79 -5.14 7.67
CA THR A 203 27.75 -6.24 7.75
C THR A 203 28.56 -6.07 9.03
N LEU A 204 29.07 -7.17 9.54
CA LEU A 204 29.81 -7.15 10.79
C LEU A 204 31.24 -6.60 10.62
N ASP A 205 31.46 -5.84 9.55
CA ASP A 205 32.64 -5.00 9.40
C ASP A 205 32.32 -3.55 9.78
N ASN A 206 31.44 -3.34 10.75
CA ASN A 206 31.09 -2.02 11.26
C ASN A 206 30.61 -1.09 10.15
N THR A 207 29.90 -1.62 9.16
CA THR A 207 29.52 -0.86 7.98
C THR A 207 28.07 -1.10 7.59
N LEU A 208 27.37 -0.03 7.22
CA LEU A 208 26.07 -0.10 6.56
C LEU A 208 26.27 0.31 5.11
N LYS A 209 25.60 -0.36 4.19
CA LYS A 209 25.75 -0.07 2.76
C LYS A 209 24.40 0.04 2.08
N LEU A 210 24.21 1.11 1.31
CA LEU A 210 23.01 1.30 0.50
C LEU A 210 23.34 0.85 -0.92
N TRP A 211 22.68 -0.24 -1.34
CA TRP A 211 22.90 -0.89 -2.63
C TRP A 211 21.73 -0.67 -3.56
N ASP A 212 22.04 -0.34 -4.82
CA ASP A 212 21.10 -0.57 -5.92
C ASP A 212 21.25 -2.04 -6.32
N TYR A 213 20.30 -2.87 -5.87
CA TYR A 213 20.45 -4.31 -6.11
C TYR A 213 20.23 -4.69 -7.56
N SER A 214 19.49 -3.89 -8.33
CA SER A 214 19.29 -4.18 -9.73
C SER A 214 20.59 -4.01 -10.52
N LYS A 215 21.35 -2.97 -10.21
CA LYS A 215 22.63 -2.71 -10.84
C LYS A 215 23.79 -3.37 -10.11
N GLY A 216 23.58 -3.87 -8.90
CA GLY A 216 24.69 -4.42 -8.13
C GLY A 216 25.76 -3.39 -7.82
N LYS A 217 25.37 -2.14 -7.58
CA LYS A 217 26.30 -1.07 -7.25
C LYS A 217 25.99 -0.54 -5.85
N CYS A 218 27.03 -0.32 -5.07
CA CYS A 218 26.87 0.29 -3.74
C CYS A 218 26.90 1.81 -3.90
N LEU A 219 25.77 2.45 -3.59
CA LEU A 219 25.61 3.88 -3.72
C LEU A 219 26.12 4.65 -2.51
N LYS A 220 25.89 4.15 -1.29
CA LYS A 220 26.36 4.85 -0.10
C LYS A 220 26.90 3.87 0.94
N THR A 221 27.80 4.36 1.80
CA THR A 221 28.17 3.60 2.99
C THR A 221 28.10 4.52 4.21
N TYR A 222 27.70 3.93 5.34
CA TYR A 222 27.57 4.63 6.61
C TYR A 222 28.42 3.91 7.64
N THR A 223 29.38 4.64 8.21
CA THR A 223 30.35 4.07 9.14
C THR A 223 30.55 5.01 10.32
N GLY A 224 31.39 4.57 11.25
CA GLY A 224 31.67 5.31 12.46
C GLY A 224 31.09 4.72 13.71
N HIS A 225 30.09 3.85 13.58
CA HIS A 225 29.48 3.12 14.67
C HIS A 225 30.23 1.80 14.87
N LYS A 226 29.83 1.04 15.87
CA LYS A 226 30.48 -0.23 16.19
C LYS A 226 29.49 -1.36 15.97
N ASN A 227 29.81 -2.26 15.06
CA ASN A 227 28.92 -3.40 14.83
C ASN A 227 29.76 -4.53 14.25
N GLU A 228 30.29 -5.37 15.15
CA GLU A 228 31.08 -6.51 14.75
C GLU A 228 30.54 -7.83 15.27
N LYS A 229 29.46 -7.82 16.05
CA LYS A 229 28.99 -9.02 16.71
C LYS A 229 27.48 -9.24 16.57
N TYR A 230 26.68 -8.21 16.81
CA TYR A 230 25.24 -8.41 16.94
C TYR A 230 24.48 -8.05 15.67
N CYS A 231 23.31 -8.66 15.51
CA CYS A 231 22.41 -8.32 14.41
C CYS A 231 21.59 -7.11 14.86
N ILE A 232 22.08 -5.93 14.49
CA ILE A 232 21.50 -4.65 14.89
C ILE A 232 20.67 -4.11 13.74
N PHE A 233 19.40 -3.84 14.03
CA PHE A 233 18.49 -3.23 13.06
C PHE A 233 18.97 -1.85 12.63
N ALA A 234 18.81 -1.54 11.34
CA ALA A 234 18.93 -0.18 10.85
C ALA A 234 17.61 0.28 10.26
N ASN A 235 17.44 1.61 10.18
CA ASN A 235 16.19 2.21 9.75
C ASN A 235 16.44 3.38 8.82
N PHE A 236 15.48 3.60 7.93
CA PHE A 236 15.32 4.85 7.21
C PHE A 236 14.35 5.74 7.98
N SER A 237 14.73 6.99 8.24
CA SER A 237 13.85 7.95 8.90
C SER A 237 13.25 8.89 7.86
N VAL A 238 11.92 8.79 7.71
CA VAL A 238 11.18 9.38 6.59
C VAL A 238 10.23 10.49 7.00
N THR A 239 10.16 10.85 8.28
CA THR A 239 9.18 11.81 8.75
C THR A 239 9.68 13.25 8.69
N GLY A 240 10.98 13.45 8.90
CA GLY A 240 11.56 14.77 8.79
C GLY A 240 12.71 14.75 7.81
N GLY A 241 13.89 15.14 8.26
CA GLY A 241 15.07 14.99 7.42
C GLY A 241 15.29 13.53 7.06
N LYS A 242 15.89 13.30 5.89
CA LYS A 242 16.14 11.93 5.43
C LYS A 242 17.33 11.38 6.19
N TRP A 243 17.08 10.49 7.17
CA TRP A 243 18.22 9.97 7.92
C TRP A 243 18.33 8.45 7.84
N ILE A 244 19.52 7.95 8.18
CA ILE A 244 19.76 6.54 8.52
C ILE A 244 19.95 6.46 10.03
N VAL A 245 19.31 5.50 10.68
CA VAL A 245 19.35 5.34 12.12
C VAL A 245 19.79 3.93 12.46
N SER A 246 20.75 3.78 13.37
CA SER A 246 21.17 2.43 13.78
C SER A 246 21.58 2.44 15.25
N GLY A 247 21.36 1.32 15.93
CA GLY A 247 22.02 1.07 17.20
C GLY A 247 23.49 0.76 16.99
N SER A 248 24.19 0.59 18.11
CA SER A 248 25.64 0.41 18.04
C SER A 248 26.12 -0.34 19.27
N GLU A 249 27.25 -1.02 19.13
CA GLU A 249 27.81 -1.79 20.22
C GLU A 249 28.59 -0.93 21.20
N ASP A 250 28.70 0.38 20.98
CA ASP A 250 29.24 1.29 21.98
C ASP A 250 28.16 2.01 22.77
N ASN A 251 26.95 1.45 22.82
CA ASN A 251 25.80 1.89 23.62
C ASN A 251 25.14 3.17 23.11
N LEU A 252 25.41 3.60 21.88
CA LEU A 252 24.86 4.83 21.33
C LEU A 252 23.91 4.52 20.19
N VAL A 253 23.00 5.46 19.92
CA VAL A 253 22.22 5.48 18.68
C VAL A 253 22.92 6.41 17.70
N TYR A 254 23.17 5.93 16.49
CA TYR A 254 23.82 6.72 15.45
C TYR A 254 22.80 7.17 14.41
N ILE A 255 22.93 8.42 13.97
CA ILE A 255 22.06 9.01 12.96
C ILE A 255 22.95 9.67 11.93
N TRP A 256 22.78 9.26 10.67
CA TRP A 256 23.54 9.73 9.52
C TRP A 256 22.65 10.49 8.55
N ASN A 257 23.24 11.48 7.89
CA ASN A 257 22.65 12.09 6.71
C ASN A 257 22.67 11.10 5.56
N LEU A 258 21.50 10.82 4.99
CA LEU A 258 21.38 9.82 3.92
C LEU A 258 22.27 10.15 2.72
N GLN A 259 22.36 11.43 2.36
CA GLN A 259 23.08 11.78 1.14
C GLN A 259 24.58 11.96 1.39
N THR A 260 24.95 12.68 2.46
CA THR A 260 26.34 13.02 2.69
C THR A 260 27.10 11.95 3.44
N LYS A 261 26.40 11.04 4.11
CA LYS A 261 26.94 9.95 4.93
C LYS A 261 27.58 10.46 6.21
N GLU A 262 27.51 11.76 6.49
CA GLU A 262 28.04 12.29 7.74
C GLU A 262 27.19 11.85 8.92
N ILE A 263 27.86 11.51 10.02
CA ILE A 263 27.17 11.33 11.29
C ILE A 263 26.65 12.69 11.75
N VAL A 264 25.33 12.78 11.89
CA VAL A 264 24.69 14.04 12.28
C VAL A 264 24.21 14.01 13.74
N GLN A 265 24.00 12.84 14.33
CA GLN A 265 23.75 12.82 15.77
C GLN A 265 24.14 11.48 16.37
N LYS A 266 24.50 11.51 17.65
CA LYS A 266 24.75 10.31 18.44
C LYS A 266 23.99 10.46 19.75
N LEU A 267 23.10 9.51 20.03
CA LEU A 267 22.22 9.56 21.19
C LEU A 267 22.81 8.73 22.32
N GLN A 268 23.04 9.38 23.46
CA GLN A 268 23.74 8.83 24.60
C GLN A 268 22.76 8.63 25.76
N GLY A 269 22.90 7.50 26.45
CA GLY A 269 22.06 7.21 27.60
C GLY A 269 21.97 5.75 27.95
N HIS A 270 21.96 4.88 26.93
CA HIS A 270 21.91 3.46 27.21
C HIS A 270 23.21 3.00 27.85
N THR A 271 23.12 1.90 28.61
CA THR A 271 24.25 1.34 29.33
C THR A 271 24.61 -0.06 28.85
N ASP A 272 24.19 -0.42 27.64
CA ASP A 272 24.62 -1.65 26.99
C ASP A 272 24.38 -1.47 25.49
N VAL A 273 24.81 -2.47 24.71
CA VAL A 273 24.62 -2.46 23.27
C VAL A 273 23.21 -2.06 22.90
N VAL A 274 23.07 -1.09 21.99
CA VAL A 274 21.77 -0.73 21.46
C VAL A 274 21.48 -1.70 20.31
N ILE A 275 20.69 -2.73 20.61
CA ILE A 275 20.43 -3.81 19.67
C ILE A 275 19.35 -3.45 18.68
N SER A 276 18.47 -2.52 19.03
CA SER A 276 17.38 -2.30 18.09
C SER A 276 16.94 -0.85 18.18
N THR A 277 16.62 -0.29 17.03
CA THR A 277 15.99 1.02 16.92
C THR A 277 14.81 0.92 15.97
N ALA A 278 13.91 1.88 16.10
CA ALA A 278 12.72 1.95 15.27
C ALA A 278 12.32 3.41 15.13
N CYS A 279 11.72 3.73 13.99
CA CYS A 279 11.36 5.10 13.64
C CYS A 279 9.83 5.20 13.53
N HIS A 280 9.23 6.16 14.23
CA HIS A 280 7.78 6.32 14.21
C HIS A 280 7.27 6.64 12.81
N PRO A 281 6.07 6.17 12.44
CA PRO A 281 5.63 6.33 11.03
C PRO A 281 5.21 7.74 10.65
N THR A 282 4.78 8.58 11.59
CA THR A 282 4.37 9.94 11.24
C THR A 282 5.07 11.03 12.02
N GLU A 283 5.60 10.76 13.21
CA GLU A 283 6.30 11.75 14.02
C GLU A 283 7.79 11.44 14.04
N ASN A 284 8.59 12.48 14.31
CA ASN A 284 10.05 12.36 14.45
C ASN A 284 10.37 11.81 15.85
N ILE A 285 10.07 10.52 16.01
CA ILE A 285 10.23 9.81 17.28
C ILE A 285 11.04 8.55 17.00
N ILE A 286 12.05 8.29 17.84
CA ILE A 286 12.85 7.09 17.73
C ILE A 286 12.68 6.27 19.00
N ALA A 287 12.55 4.95 18.83
CA ALA A 287 12.61 4.02 19.95
C ALA A 287 13.93 3.27 19.86
N SER A 288 14.60 3.12 21.01
CA SER A 288 15.85 2.38 21.07
C SER A 288 15.80 1.36 22.20
N ALA A 289 16.58 0.27 22.06
CA ALA A 289 16.54 -0.80 23.04
C ALA A 289 17.90 -1.47 23.13
N ALA A 290 18.24 -1.91 24.36
CA ALA A 290 19.57 -2.36 24.73
C ALA A 290 19.58 -3.74 25.40
N LEU A 291 20.79 -4.30 25.48
CA LEU A 291 21.01 -5.65 25.99
C LEU A 291 21.02 -5.68 27.53
N GLU A 292 21.50 -6.78 28.12
CA GLU A 292 21.04 -7.16 29.46
C GLU A 292 21.64 -6.32 30.59
N ASN A 293 22.73 -5.57 30.36
CA ASN A 293 23.16 -4.65 31.40
C ASN A 293 22.20 -3.47 31.54
N ASP A 294 21.27 -3.31 30.60
CA ASP A 294 20.40 -2.15 30.51
C ASP A 294 18.93 -2.58 30.58
N LYS A 295 18.45 -3.35 29.61
CA LYS A 295 17.11 -3.94 29.56
C LYS A 295 16.01 -2.90 29.35
N THR A 296 16.35 -1.65 29.04
CA THR A 296 15.32 -0.63 28.87
C THR A 296 15.14 -0.24 27.41
N ILE A 297 14.00 0.39 27.17
CA ILE A 297 13.64 1.01 25.90
C ILE A 297 13.61 2.51 26.15
N LYS A 298 14.16 3.29 25.22
CA LYS A 298 14.12 4.75 25.34
C LYS A 298 13.38 5.36 24.17
N LEU A 299 12.59 6.39 24.44
CA LEU A 299 11.85 7.13 23.42
C LEU A 299 12.45 8.52 23.30
N TRP A 300 12.73 8.94 22.07
CA TRP A 300 13.43 10.18 21.77
C TRP A 300 12.63 10.97 20.75
N LYS A 301 12.71 12.31 20.85
CA LYS A 301 11.92 13.20 20.01
C LYS A 301 12.78 14.30 19.40
N SER A 302 12.56 14.57 18.11
CA SER A 302 13.29 15.61 17.40
C SER A 302 12.32 16.56 16.70
N ASP A 303 12.80 17.77 16.44
CA ASP A 303 12.03 18.76 15.70
C ASP A 303 12.12 18.58 14.19
N CYS A 304 13.05 17.76 13.71
CA CYS A 304 13.21 17.51 12.28
C CYS A 304 13.91 16.17 12.05
N LYS B 2 -21.15 -15.35 0.58
CA LYS B 2 -21.27 -13.89 0.69
C LYS B 2 -20.03 -13.29 1.34
N PRO B 3 -19.63 -12.08 0.91
CA PRO B 3 -18.47 -11.43 1.51
C PRO B 3 -18.82 -10.91 2.90
N ASN B 4 -17.78 -10.56 3.66
CA ASN B 4 -17.96 -10.03 5.01
C ASN B 4 -17.09 -8.79 5.20
N TYR B 5 -17.25 -7.82 4.30
CA TYR B 5 -16.46 -6.60 4.36
C TYR B 5 -16.69 -5.89 5.67
N ALA B 6 -15.60 -5.56 6.38
CA ALA B 6 -15.65 -4.82 7.62
C ALA B 6 -14.76 -3.59 7.51
N LEU B 7 -15.16 -2.52 8.19
CA LEU B 7 -14.45 -1.25 8.10
C LEU B 7 -13.09 -1.36 8.77
N LYS B 8 -12.06 -0.85 8.09
CA LYS B 8 -10.70 -0.87 8.63
C LYS B 8 -10.12 0.51 8.83
N PHE B 9 -10.34 1.44 7.91
CA PHE B 9 -9.82 2.79 8.03
C PHE B 9 -10.82 3.80 7.51
N THR B 10 -10.77 5.00 8.08
CA THR B 10 -11.44 6.18 7.54
C THR B 10 -10.37 7.23 7.28
N LEU B 11 -10.25 7.66 6.02
CA LEU B 11 -9.18 8.56 5.59
C LEU B 11 -9.74 9.96 5.42
N ALA B 12 -9.34 10.86 6.31
CA ALA B 12 -9.80 12.24 6.31
C ALA B 12 -8.71 13.16 5.79
N GLY B 13 -9.13 14.24 5.13
CA GLY B 13 -8.17 15.19 4.61
C GLY B 13 -8.72 16.10 3.54
N HIS B 14 -9.53 15.56 2.64
CA HIS B 14 -10.17 16.41 1.66
C HIS B 14 -11.13 17.39 2.36
N THR B 15 -11.26 18.58 1.79
CA THR B 15 -12.04 19.64 2.40
C THR B 15 -13.33 19.92 1.63
N LYS B 16 -13.55 19.23 0.52
CA LYS B 16 -14.82 19.23 -0.18
C LYS B 16 -15.12 17.79 -0.55
N ALA B 17 -16.21 17.60 -1.30
CA ALA B 17 -16.60 16.26 -1.73
C ALA B 17 -15.45 15.53 -2.41
N VAL B 18 -15.31 14.23 -2.08
CA VAL B 18 -14.45 13.37 -2.88
C VAL B 18 -15.20 13.02 -4.16
N SER B 19 -14.46 12.85 -5.25
CA SER B 19 -15.06 12.55 -6.55
C SER B 19 -14.69 11.18 -7.10
N SER B 20 -13.52 10.66 -6.76
CA SER B 20 -13.03 9.41 -7.35
C SER B 20 -11.93 8.83 -6.50
N VAL B 21 -11.94 7.50 -6.33
CA VAL B 21 -10.82 6.78 -5.73
C VAL B 21 -10.43 5.64 -6.66
N LYS B 22 -9.11 5.36 -6.73
CA LYS B 22 -8.54 4.36 -7.60
C LYS B 22 -7.31 3.74 -6.95
N PHE B 23 -7.26 2.41 -6.90
CA PHE B 23 -6.06 1.71 -6.46
C PHE B 23 -5.02 1.67 -7.56
N SER B 24 -3.74 1.82 -7.19
CA SER B 24 -2.67 1.63 -8.16
C SER B 24 -2.63 0.19 -8.63
N PRO B 25 -2.23 -0.05 -9.88
CA PRO B 25 -2.19 -1.43 -10.40
C PRO B 25 -1.30 -2.35 -9.59
N ASN B 26 -0.29 -1.83 -8.92
CA ASN B 26 0.57 -2.66 -8.09
C ASN B 26 0.03 -2.85 -6.67
N GLY B 27 -1.15 -2.30 -6.37
CA GLY B 27 -1.81 -2.52 -5.11
C GLY B 27 -1.30 -1.69 -3.95
N GLU B 28 -0.24 -0.89 -4.15
CA GLU B 28 0.44 -0.20 -3.06
C GLU B 28 -0.31 1.04 -2.60
N TRP B 29 -0.99 1.73 -3.51
CA TRP B 29 -1.52 3.06 -3.24
C TRP B 29 -3.00 3.14 -3.57
N LEU B 30 -3.64 4.09 -2.92
CA LEU B 30 -4.94 4.60 -3.33
C LEU B 30 -4.77 6.07 -3.66
N ALA B 31 -5.30 6.49 -4.82
CA ALA B 31 -5.36 7.89 -5.18
C ALA B 31 -6.80 8.36 -5.07
N SER B 32 -6.98 9.57 -4.55
CA SER B 32 -8.29 10.20 -4.49
C SER B 32 -8.25 11.57 -5.15
N SER B 33 -9.37 11.95 -5.75
CA SER B 33 -9.54 13.28 -6.31
C SER B 33 -10.73 13.94 -5.63
N SER B 34 -10.73 15.27 -5.63
CA SER B 34 -11.81 15.95 -4.90
C SER B 34 -12.18 17.28 -5.54
N ALA B 35 -13.40 17.72 -5.24
CA ALA B 35 -13.82 19.08 -5.57
C ALA B 35 -12.92 20.15 -4.95
N ASP B 36 -12.03 19.78 -4.02
CA ASP B 36 -11.12 20.74 -3.40
C ASP B 36 -9.88 21.01 -4.23
N LYS B 37 -9.86 20.52 -5.47
CA LYS B 37 -8.81 20.75 -6.48
C LYS B 37 -7.57 19.89 -6.22
N LEU B 38 -7.62 18.94 -5.29
CA LEU B 38 -6.46 18.18 -4.90
C LEU B 38 -6.59 16.70 -5.23
N ILE B 39 -5.43 16.09 -5.45
CA ILE B 39 -5.26 14.64 -5.50
C ILE B 39 -4.51 14.26 -4.23
N LYS B 40 -4.95 13.19 -3.59
CA LYS B 40 -4.23 12.70 -2.43
C LYS B 40 -3.87 11.24 -2.62
N ILE B 41 -2.68 10.86 -2.18
CA ILE B 41 -2.16 9.50 -2.23
C ILE B 41 -2.10 8.97 -0.81
N TRP B 42 -2.58 7.73 -0.65
CA TRP B 42 -2.72 7.05 0.63
C TRP B 42 -2.20 5.63 0.51
N GLY B 43 -1.64 5.10 1.60
CA GLY B 43 -1.24 3.71 1.61
C GLY B 43 -2.45 2.79 1.57
N ALA B 44 -2.44 1.82 0.66
CA ALA B 44 -3.60 0.96 0.48
C ALA B 44 -3.85 0.02 1.66
N TYR B 45 -2.81 -0.35 2.40
CA TYR B 45 -2.96 -1.35 3.43
C TYR B 45 -2.98 -0.79 4.85
N ASP B 46 -2.40 0.37 5.07
CA ASP B 46 -2.41 0.99 6.39
C ASP B 46 -3.16 2.31 6.38
N GLY B 47 -3.66 2.73 5.24
CA GLY B 47 -4.43 3.96 5.13
C GLY B 47 -3.66 5.22 5.41
N LYS B 48 -2.34 5.13 5.49
CA LYS B 48 -1.55 6.29 5.87
C LYS B 48 -1.47 7.31 4.74
N PHE B 49 -1.80 8.56 5.05
CA PHE B 49 -1.63 9.64 4.08
C PHE B 49 -0.18 9.71 3.61
N GLU B 50 0.00 9.77 2.29
CA GLU B 50 1.33 9.84 1.69
C GLU B 50 1.64 11.22 1.15
N LYS B 51 0.76 11.79 0.31
CA LYS B 51 1.08 13.12 -0.21
C LYS B 51 -0.14 13.75 -0.86
N THR B 52 -0.07 15.08 -1.00
CA THR B 52 -1.03 15.89 -1.75
C THR B 52 -0.39 16.37 -3.04
N ILE B 53 -1.13 16.26 -4.13
CA ILE B 53 -0.70 16.64 -5.47
C ILE B 53 -1.64 17.73 -5.94
N SER B 54 -1.09 18.91 -6.23
CA SER B 54 -1.88 20.09 -6.51
C SER B 54 -1.40 20.79 -7.77
N GLY B 55 -2.31 21.55 -8.38
CA GLY B 55 -2.01 22.33 -9.56
C GLY B 55 -3.25 22.71 -10.36
N HIS B 56 -4.29 21.88 -10.30
CA HIS B 56 -5.53 22.22 -10.98
C HIS B 56 -6.12 23.48 -10.37
N LYS B 57 -6.82 24.26 -11.20
CA LYS B 57 -7.38 25.53 -10.78
C LYS B 57 -8.83 25.44 -10.31
N LEU B 58 -9.49 24.33 -10.62
CA LEU B 58 -10.85 24.06 -10.16
C LEU B 58 -10.92 22.59 -9.77
N GLY B 59 -12.09 22.17 -9.30
CA GLY B 59 -12.25 20.83 -8.79
C GLY B 59 -11.92 19.75 -9.81
N ILE B 60 -11.66 18.56 -9.29
CA ILE B 60 -11.30 17.38 -10.08
C ILE B 60 -12.40 16.34 -9.97
N SER B 61 -12.80 15.77 -11.12
CA SER B 61 -13.83 14.74 -11.15
C SER B 61 -13.29 13.31 -11.19
N ASP B 62 -12.05 13.10 -11.62
CA ASP B 62 -11.59 11.74 -11.87
C ASP B 62 -10.07 11.74 -11.84
N VAL B 63 -9.50 10.57 -11.54
CA VAL B 63 -8.07 10.32 -11.62
C VAL B 63 -7.89 8.87 -12.08
N ALA B 64 -6.74 8.60 -12.69
CA ALA B 64 -6.48 7.24 -13.16
C ALA B 64 -4.98 7.01 -13.16
N TRP B 65 -4.57 5.74 -13.00
CA TRP B 65 -3.18 5.30 -12.92
C TRP B 65 -2.66 4.74 -14.24
N SER B 66 -1.37 4.93 -14.50
CA SER B 66 -0.71 4.20 -15.57
C SER B 66 -0.41 2.76 -15.13
N SER B 67 -0.16 1.89 -16.12
CA SER B 67 -0.03 0.47 -15.81
C SER B 67 1.15 0.15 -14.93
N ASP B 68 2.18 0.99 -14.93
CA ASP B 68 3.34 0.76 -14.06
C ASP B 68 3.22 1.46 -12.72
N SER B 69 2.06 2.07 -12.43
CA SER B 69 1.78 2.71 -11.15
C SER B 69 2.62 3.96 -10.91
N ASN B 70 3.28 4.48 -11.95
CA ASN B 70 4.19 5.61 -11.81
C ASN B 70 3.57 6.94 -12.20
N LEU B 71 2.51 6.94 -13.02
CA LEU B 71 1.89 8.15 -13.51
C LEU B 71 0.43 8.20 -13.10
N LEU B 72 -0.07 9.42 -12.93
CA LEU B 72 -1.50 9.65 -12.74
C LEU B 72 -1.98 10.63 -13.80
N VAL B 73 -3.24 10.51 -14.18
CA VAL B 73 -3.91 11.53 -14.99
C VAL B 73 -5.15 11.98 -14.24
N SER B 74 -5.41 13.28 -14.26
CA SER B 74 -6.57 13.85 -13.60
C SER B 74 -7.39 14.68 -14.58
N ALA B 75 -8.71 14.71 -14.35
CA ALA B 75 -9.67 15.41 -15.19
C ALA B 75 -10.36 16.49 -14.36
N SER B 76 -10.31 17.74 -14.82
CA SER B 76 -10.74 18.84 -13.95
C SER B 76 -11.77 19.75 -14.61
N ASP B 77 -12.50 20.45 -13.73
CA ASP B 77 -13.42 21.50 -14.16
C ASP B 77 -12.71 22.68 -14.80
N ASP B 78 -11.38 22.79 -14.65
CA ASP B 78 -10.63 23.85 -15.31
C ASP B 78 -10.41 23.57 -16.80
N LYS B 79 -11.07 22.55 -17.34
CA LYS B 79 -11.10 22.14 -18.75
C LYS B 79 -9.83 21.42 -19.19
N THR B 80 -8.90 21.13 -18.28
CA THR B 80 -7.70 20.39 -18.63
C THR B 80 -7.67 19.02 -17.97
N LEU B 81 -6.79 18.18 -18.52
CA LEU B 81 -6.27 17.05 -17.77
C LEU B 81 -4.82 17.33 -17.42
N LYS B 82 -4.34 16.70 -16.36
CA LYS B 82 -2.92 16.81 -16.05
C LYS B 82 -2.33 15.42 -15.87
N ILE B 83 -1.14 15.23 -16.44
CA ILE B 83 -0.32 14.03 -16.22
C ILE B 83 0.70 14.35 -15.16
N TRP B 84 0.73 13.51 -14.11
CA TRP B 84 1.56 13.69 -12.93
C TRP B 84 2.54 12.53 -12.77
N ASP B 85 3.75 12.87 -12.31
CA ASP B 85 4.68 11.88 -11.78
C ASP B 85 4.37 11.69 -10.30
N VAL B 86 3.93 10.49 -9.92
CA VAL B 86 3.47 10.30 -8.54
C VAL B 86 4.63 10.44 -7.55
N SER B 87 5.81 9.94 -7.94
CA SER B 87 6.95 9.96 -7.01
C SER B 87 7.36 11.38 -6.66
N SER B 88 7.35 12.29 -7.64
CA SER B 88 7.76 13.67 -7.45
C SER B 88 6.59 14.60 -7.13
N GLY B 89 5.36 14.20 -7.47
CA GLY B 89 4.23 15.09 -7.37
C GLY B 89 4.16 16.15 -8.44
N LYS B 90 5.08 16.16 -9.40
CA LYS B 90 5.16 17.21 -10.40
C LYS B 90 4.22 16.95 -11.57
N CYS B 91 3.64 18.02 -12.09
CA CYS B 91 2.82 17.95 -13.29
C CYS B 91 3.74 17.85 -14.50
N LEU B 92 3.68 16.72 -15.21
CA LEU B 92 4.51 16.52 -16.40
C LEU B 92 3.89 17.19 -17.62
N LYS B 93 2.57 17.09 -17.75
CA LYS B 93 1.91 17.65 -18.93
C LYS B 93 0.54 18.18 -18.55
N THR B 94 0.09 19.22 -19.24
CA THR B 94 -1.28 19.72 -19.14
C THR B 94 -1.94 19.55 -20.51
N LEU B 95 -3.01 18.75 -20.55
CA LEU B 95 -3.70 18.39 -21.78
C LEU B 95 -4.86 19.35 -21.99
N LYS B 96 -4.73 20.21 -23.01
CA LYS B 96 -5.69 21.25 -23.33
C LYS B 96 -6.34 20.98 -24.69
N GLY B 97 -7.65 21.23 -24.74
CA GLY B 97 -8.44 21.02 -25.94
C GLY B 97 -9.94 21.03 -25.66
N HIS B 98 -10.36 20.40 -24.56
CA HIS B 98 -11.78 20.40 -24.22
C HIS B 98 -12.25 21.83 -23.98
N SER B 99 -13.52 22.08 -24.29
CA SER B 99 -14.11 23.41 -24.16
C SER B 99 -15.00 23.54 -22.91
N ASN B 100 -15.04 22.51 -22.07
CA ASN B 100 -15.79 22.57 -20.83
C ASN B 100 -15.19 21.53 -19.87
N TYR B 101 -15.83 21.36 -18.71
CA TYR B 101 -15.33 20.47 -17.67
C TYR B 101 -14.93 19.11 -18.22
N VAL B 102 -13.76 18.62 -17.83
CA VAL B 102 -13.39 17.23 -18.11
C VAL B 102 -13.92 16.38 -16.95
N PHE B 103 -14.72 15.37 -17.28
CA PHE B 103 -15.41 14.59 -16.26
C PHE B 103 -14.78 13.23 -15.98
N CYS B 104 -14.07 12.65 -16.95
CA CYS B 104 -13.61 11.28 -16.81
C CYS B 104 -12.34 11.06 -17.60
N CYS B 105 -11.53 10.07 -17.18
CA CYS B 105 -10.25 9.83 -17.88
C CYS B 105 -9.75 8.43 -17.55
N ASN B 106 -8.86 7.93 -18.40
CA ASN B 106 -8.27 6.60 -18.22
C ASN B 106 -7.04 6.47 -19.12
N PHE B 107 -6.01 5.76 -18.63
CA PHE B 107 -4.95 5.27 -19.49
C PHE B 107 -5.37 3.98 -20.18
N ASN B 108 -4.75 3.70 -21.34
CA ASN B 108 -4.82 2.37 -21.93
C ASN B 108 -3.80 1.44 -21.27
N PRO B 109 -3.96 0.12 -21.44
CA PRO B 109 -3.03 -0.82 -20.79
C PRO B 109 -1.57 -0.56 -21.13
N GLN B 110 -1.28 -0.25 -22.40
N GLN B 110 -1.24 -0.26 -22.38
CA GLN B 110 0.06 0.17 -22.82
CA GLN B 110 0.15 0.10 -22.64
C GLN B 110 0.51 1.41 -22.05
C GLN B 110 0.54 1.41 -21.99
N SER B 111 -0.44 2.29 -21.72
CA SER B 111 -0.22 3.55 -21.02
C SER B 111 0.54 4.56 -21.85
N ASN B 112 0.47 4.41 -23.18
CA ASN B 112 0.92 5.45 -24.09
C ASN B 112 -0.20 6.39 -24.52
N LEU B 113 -1.46 6.06 -24.19
CA LEU B 113 -2.62 6.86 -24.54
C LEU B 113 -3.41 7.19 -23.29
N ILE B 114 -4.08 8.34 -23.33
CA ILE B 114 -5.10 8.71 -22.35
C ILE B 114 -6.39 9.01 -23.10
N VAL B 115 -7.52 8.53 -22.57
CA VAL B 115 -8.84 8.87 -23.10
C VAL B 115 -9.56 9.76 -22.08
N SER B 116 -10.29 10.76 -22.58
CA SER B 116 -11.02 11.68 -21.71
C SER B 116 -12.42 11.90 -22.27
N GLY B 117 -13.34 12.22 -21.37
CA GLY B 117 -14.68 12.66 -21.76
C GLY B 117 -15.07 13.92 -21.02
N SER B 118 -15.94 14.71 -21.65
CA SER B 118 -16.15 16.07 -21.16
C SER B 118 -17.61 16.48 -21.23
N PHE B 119 -17.95 17.48 -20.42
CA PHE B 119 -19.21 18.21 -20.56
C PHE B 119 -19.40 18.77 -21.97
N ASP B 120 -18.31 18.98 -22.72
CA ASP B 120 -18.42 19.48 -24.08
C ASP B 120 -18.91 18.41 -25.08
N GLU B 121 -19.26 17.21 -24.59
CA GLU B 121 -19.94 16.13 -25.32
C GLU B 121 -19.00 15.34 -26.22
N SER B 122 -17.69 15.59 -26.13
CA SER B 122 -16.69 14.92 -26.94
C SER B 122 -15.87 13.95 -26.09
N VAL B 123 -15.24 13.01 -26.79
CA VAL B 123 -14.21 12.15 -26.22
C VAL B 123 -12.90 12.47 -26.91
N ARG B 124 -11.82 12.60 -26.14
CA ARG B 124 -10.53 12.90 -26.74
C ARG B 124 -9.53 11.81 -26.41
N ILE B 125 -8.63 11.56 -27.36
CA ILE B 125 -7.54 10.59 -27.19
C ILE B 125 -6.23 11.37 -27.33
N TRP B 126 -5.37 11.20 -26.33
CA TRP B 126 -4.18 12.01 -26.10
C TRP B 126 -2.94 11.13 -26.06
N ASP B 127 -1.84 11.71 -26.54
CA ASP B 127 -0.53 11.07 -26.52
C ASP B 127 0.15 11.38 -25.20
N VAL B 128 0.53 10.34 -24.46
CA VAL B 128 1.09 10.54 -23.13
C VAL B 128 2.45 11.22 -23.19
N LYS B 129 3.29 10.84 -24.16
CA LYS B 129 4.65 11.36 -24.20
C LYS B 129 4.69 12.85 -24.55
N THR B 130 3.85 13.28 -25.48
CA THR B 130 3.87 14.67 -25.94
C THR B 130 2.80 15.53 -25.30
N GLY B 131 1.76 14.90 -24.74
CA GLY B 131 0.62 15.65 -24.23
C GLY B 131 -0.27 16.22 -25.28
N LYS B 132 -0.09 15.83 -26.54
CA LYS B 132 -0.89 16.35 -27.63
C LYS B 132 -2.13 15.49 -27.83
N CYS B 133 -3.21 16.12 -28.25
CA CYS B 133 -4.44 15.42 -28.55
C CYS B 133 -4.32 14.77 -29.93
N LEU B 134 -4.52 13.44 -29.98
CA LEU B 134 -4.44 12.71 -31.24
C LEU B 134 -5.77 12.68 -31.97
N LYS B 135 -6.88 12.53 -31.24
CA LYS B 135 -8.20 12.44 -31.86
C LYS B 135 -9.23 13.16 -31.00
N THR B 136 -10.19 13.81 -31.67
CA THR B 136 -11.40 14.32 -31.04
C THR B 136 -12.59 13.60 -31.65
N LEU B 137 -13.31 12.82 -30.85
CA LEU B 137 -14.48 12.08 -31.30
C LEU B 137 -15.74 12.84 -30.94
N PRO B 138 -16.57 13.20 -31.92
CA PRO B 138 -17.89 13.78 -31.61
C PRO B 138 -18.81 12.71 -31.06
N ALA B 139 -18.59 12.34 -29.79
CA ALA B 139 -19.07 11.06 -29.30
C ALA B 139 -20.53 11.06 -28.89
N HIS B 140 -21.05 12.17 -28.37
CA HIS B 140 -22.33 12.17 -27.69
C HIS B 140 -23.02 13.52 -27.87
N SER B 141 -24.28 13.58 -27.43
CA SER B 141 -25.07 14.79 -27.56
C SER B 141 -25.42 15.39 -26.20
N ASP B 142 -24.67 14.99 -25.18
CA ASP B 142 -24.80 15.47 -23.81
C ASP B 142 -23.49 15.16 -23.10
N PRO B 143 -23.30 15.64 -21.87
CA PRO B 143 -22.03 15.37 -21.17
C PRO B 143 -21.64 13.91 -21.17
N VAL B 144 -20.34 13.65 -21.35
CA VAL B 144 -19.79 12.29 -21.32
C VAL B 144 -19.47 11.93 -19.88
N SER B 145 -20.11 10.86 -19.37
CA SER B 145 -20.03 10.50 -17.97
C SER B 145 -18.89 9.52 -17.66
N ALA B 146 -18.46 8.71 -18.62
CA ALA B 146 -17.38 7.74 -18.36
C ALA B 146 -16.69 7.38 -19.67
N VAL B 147 -15.40 7.02 -19.57
CA VAL B 147 -14.62 6.48 -20.69
C VAL B 147 -13.68 5.41 -20.15
N HIS B 148 -13.46 4.36 -20.93
CA HIS B 148 -12.72 3.20 -20.45
C HIS B 148 -12.16 2.43 -21.63
N PHE B 149 -10.93 1.96 -21.50
CA PHE B 149 -10.32 1.06 -22.47
C PHE B 149 -10.60 -0.39 -22.09
N ASN B 150 -10.67 -1.26 -23.10
CA ASN B 150 -10.82 -2.69 -22.82
C ASN B 150 -9.46 -3.29 -22.45
N ARG B 151 -9.39 -4.62 -22.36
CA ARG B 151 -8.26 -5.29 -21.71
C ARG B 151 -6.93 -5.08 -22.43
N ASP B 152 -6.96 -4.91 -23.75
CA ASP B 152 -5.73 -4.66 -24.51
C ASP B 152 -5.69 -3.27 -25.12
N GLY B 153 -6.66 -2.41 -24.81
CA GLY B 153 -6.66 -1.04 -25.31
C GLY B 153 -7.11 -0.86 -26.74
N SER B 154 -7.57 -1.93 -27.40
CA SER B 154 -8.04 -1.82 -28.78
C SER B 154 -9.39 -1.14 -28.90
N LEU B 155 -10.18 -1.09 -27.83
CA LEU B 155 -11.50 -0.47 -27.83
C LEU B 155 -11.62 0.54 -26.70
N ILE B 156 -12.49 1.53 -26.92
CA ILE B 156 -12.97 2.45 -25.89
C ILE B 156 -14.48 2.30 -25.78
N VAL B 157 -15.00 2.32 -24.56
CA VAL B 157 -16.43 2.50 -24.35
C VAL B 157 -16.65 3.87 -23.70
N SER B 158 -17.70 4.55 -24.14
CA SER B 158 -18.07 5.84 -23.58
C SER B 158 -19.55 5.81 -23.22
N SER B 159 -19.91 6.56 -22.18
CA SER B 159 -21.31 6.71 -21.77
C SER B 159 -21.67 8.19 -21.64
N SER B 160 -22.97 8.49 -21.70
CA SER B 160 -23.38 9.88 -21.70
C SER B 160 -24.79 10.05 -21.14
N TYR B 161 -25.03 11.25 -20.62
CA TYR B 161 -26.37 11.67 -20.24
C TYR B 161 -27.35 11.61 -21.41
N ASP B 162 -26.85 11.52 -22.64
CA ASP B 162 -27.73 11.41 -23.80
C ASP B 162 -28.44 10.05 -23.89
N GLY B 163 -28.11 9.11 -23.00
CA GLY B 163 -28.74 7.81 -22.96
C GLY B 163 -27.99 6.70 -23.66
N LEU B 164 -26.84 7.00 -24.26
CA LEU B 164 -26.13 6.05 -25.10
C LEU B 164 -24.87 5.54 -24.42
N CYS B 165 -24.53 4.28 -24.75
CA CYS B 165 -23.19 3.75 -24.63
C CYS B 165 -22.67 3.54 -26.05
N ARG B 166 -21.40 3.92 -26.29
CA ARG B 166 -20.80 3.72 -27.61
C ARG B 166 -19.45 3.01 -27.49
N ILE B 167 -19.18 2.13 -28.44
CA ILE B 167 -17.92 1.38 -28.56
C ILE B 167 -17.17 1.93 -29.77
N TRP B 168 -15.88 2.28 -29.55
CA TRP B 168 -15.00 2.96 -30.49
C TRP B 168 -13.74 2.12 -30.72
N ASP B 169 -13.35 1.98 -31.99
CA ASP B 169 -12.03 1.50 -32.33
C ASP B 169 -10.98 2.53 -31.95
N THR B 170 -10.05 2.15 -31.07
CA THR B 170 -9.02 3.09 -30.61
C THR B 170 -8.19 3.61 -31.77
N ALA B 171 -7.64 2.70 -32.58
CA ALA B 171 -6.68 3.11 -33.60
C ALA B 171 -7.30 4.08 -34.60
N SER B 172 -8.56 3.86 -34.97
CA SER B 172 -9.19 4.64 -36.03
C SER B 172 -10.16 5.70 -35.53
N GLY B 173 -10.61 5.62 -34.29
CA GLY B 173 -11.63 6.53 -33.79
C GLY B 173 -13.03 6.27 -34.28
N GLN B 174 -13.27 5.21 -35.04
CA GLN B 174 -14.60 4.95 -35.60
C GLN B 174 -15.51 4.31 -34.55
N CYS B 175 -16.79 4.67 -34.60
CA CYS B 175 -17.74 4.04 -33.70
C CYS B 175 -18.13 2.69 -34.26
N LEU B 176 -17.87 1.64 -33.48
CA LEU B 176 -18.26 0.30 -33.89
C LEU B 176 -19.66 -0.03 -33.45
N LYS B 177 -20.11 0.51 -32.32
CA LYS B 177 -21.43 0.11 -31.86
C LYS B 177 -22.08 1.20 -31.00
N THR B 178 -23.40 1.34 -31.14
CA THR B 178 -24.20 2.21 -30.28
C THR B 178 -25.28 1.35 -29.62
N LEU B 179 -25.37 1.42 -28.29
CA LEU B 179 -26.41 0.70 -27.55
C LEU B 179 -27.53 1.68 -27.20
N ILE B 180 -28.71 1.46 -27.76
CA ILE B 180 -29.89 2.29 -27.51
C ILE B 180 -31.05 1.44 -27.02
N ASN B 184 -34.62 5.54 -22.70
CA ASN B 184 -33.23 5.97 -22.80
C ASN B 184 -32.82 6.89 -21.66
N PRO B 185 -32.77 6.35 -20.43
CA PRO B 185 -32.36 7.17 -19.29
C PRO B 185 -30.91 7.56 -19.39
N PRO B 186 -30.49 8.66 -18.78
CA PRO B 186 -29.07 9.04 -18.80
C PRO B 186 -28.19 7.91 -18.28
N VAL B 187 -27.10 7.64 -18.99
CA VAL B 187 -26.10 6.68 -18.56
C VAL B 187 -25.02 7.45 -17.80
N SER B 188 -24.84 7.10 -16.53
CA SER B 188 -23.99 7.85 -15.61
C SER B 188 -22.63 7.19 -15.39
N PHE B 189 -22.43 5.97 -15.90
CA PHE B 189 -21.16 5.27 -15.76
C PHE B 189 -21.14 4.08 -16.71
N VAL B 190 -19.95 3.72 -17.18
CA VAL B 190 -19.76 2.49 -17.96
C VAL B 190 -18.31 2.05 -17.84
N LYS B 191 -18.08 0.75 -17.93
CA LYS B 191 -16.74 0.21 -18.06
C LYS B 191 -16.83 -1.21 -18.60
N PHE B 192 -15.73 -1.67 -19.20
CA PHE B 192 -15.65 -3.03 -19.71
C PHE B 192 -15.50 -4.03 -18.57
N SER B 193 -15.98 -5.25 -18.81
CA SER B 193 -15.79 -6.33 -17.87
C SER B 193 -14.33 -6.81 -17.90
N PRO B 194 -13.90 -7.54 -16.88
CA PRO B 194 -12.51 -8.06 -16.88
C PRO B 194 -12.11 -8.80 -18.14
N ASN B 195 -13.02 -9.56 -18.73
CA ASN B 195 -12.69 -10.35 -19.91
C ASN B 195 -12.98 -9.63 -21.22
N GLY B 196 -13.43 -8.37 -21.14
CA GLY B 196 -13.59 -7.52 -22.30
C GLY B 196 -14.80 -7.81 -23.16
N LYS B 197 -15.64 -8.77 -22.79
CA LYS B 197 -16.76 -9.17 -23.63
C LYS B 197 -18.05 -8.43 -23.27
N TYR B 198 -18.12 -7.85 -22.08
CA TYR B 198 -19.32 -7.17 -21.61
C TYR B 198 -18.99 -5.74 -21.20
N ILE B 199 -20.03 -4.92 -21.11
CA ILE B 199 -19.91 -3.63 -20.44
C ILE B 199 -20.92 -3.55 -19.32
N LEU B 200 -20.50 -2.92 -18.23
CA LEU B 200 -21.38 -2.62 -17.11
C LEU B 200 -21.77 -1.15 -17.19
N ALA B 201 -23.07 -0.86 -17.29
CA ALA B 201 -23.55 0.51 -17.45
C ALA B 201 -24.50 0.88 -16.31
N ALA B 202 -24.27 2.03 -15.70
CA ALA B 202 -25.17 2.58 -14.70
C ALA B 202 -26.09 3.59 -15.34
N THR B 203 -27.38 3.55 -15.03
CA THR B 203 -28.31 4.55 -15.52
C THR B 203 -29.01 5.20 -14.34
N LEU B 204 -29.45 6.45 -14.53
CA LEU B 204 -30.08 7.23 -13.47
C LEU B 204 -31.52 6.81 -13.21
N ASP B 205 -31.86 5.57 -13.58
CA ASP B 205 -33.08 4.91 -13.14
C ASP B 205 -32.79 3.85 -12.08
N ASN B 206 -31.77 4.09 -11.23
CA ASN B 206 -31.46 3.23 -10.08
C ASN B 206 -31.09 1.82 -10.52
N THR B 207 -30.39 1.71 -11.65
CA THR B 207 -30.18 0.41 -12.28
C THR B 207 -28.80 0.29 -12.89
N LEU B 208 -28.11 -0.81 -12.60
CA LEU B 208 -26.92 -1.24 -13.32
C LEU B 208 -27.27 -2.37 -14.28
N LYS B 209 -26.69 -2.35 -15.47
CA LYS B 209 -26.96 -3.38 -16.48
C LYS B 209 -25.66 -3.93 -17.05
N LEU B 210 -25.59 -5.26 -17.16
CA LEU B 210 -24.46 -5.94 -17.77
C LEU B 210 -24.90 -6.38 -19.16
N TRP B 211 -24.21 -5.83 -20.18
CA TRP B 211 -24.54 -5.97 -21.59
C TRP B 211 -23.45 -6.75 -22.32
N ASP B 212 -23.89 -7.71 -23.13
CA ASP B 212 -23.08 -8.19 -24.26
C ASP B 212 -23.25 -7.16 -25.36
N TYR B 213 -22.24 -6.32 -25.58
CA TYR B 213 -22.41 -5.20 -26.51
C TYR B 213 -22.37 -5.64 -27.96
N SER B 214 -21.68 -6.73 -28.27
CA SER B 214 -21.66 -7.21 -29.65
C SER B 214 -23.00 -7.82 -30.05
N LYS B 215 -23.68 -8.47 -29.12
CA LYS B 215 -25.02 -9.00 -29.37
C LYS B 215 -26.13 -8.02 -29.01
N GLY B 216 -25.80 -6.91 -28.36
CA GLY B 216 -26.81 -5.96 -27.94
C GLY B 216 -27.85 -6.55 -27.00
N LYS B 217 -27.42 -7.45 -26.12
CA LYS B 217 -28.33 -8.15 -25.21
C LYS B 217 -27.96 -7.80 -23.78
N CYS B 218 -28.96 -7.46 -22.98
CA CYS B 218 -28.73 -7.25 -21.55
C CYS B 218 -28.80 -8.59 -20.84
N LEU B 219 -27.69 -8.99 -20.24
CA LEU B 219 -27.60 -10.29 -19.60
C LEU B 219 -27.98 -10.24 -18.14
N LYS B 220 -27.69 -9.14 -17.46
CA LYS B 220 -27.99 -9.06 -16.02
C LYS B 220 -28.35 -7.64 -15.67
N THR B 221 -29.11 -7.47 -14.59
CA THR B 221 -29.31 -6.15 -13.98
C THR B 221 -29.08 -6.25 -12.48
N TYR B 222 -28.63 -5.14 -11.90
CA TYR B 222 -28.33 -5.03 -10.47
C TYR B 222 -29.04 -3.80 -9.93
N THR B 223 -29.94 -4.02 -8.97
CA THR B 223 -30.86 -2.99 -8.49
C THR B 223 -31.01 -3.09 -6.98
N GLY B 224 -31.78 -2.17 -6.41
CA GLY B 224 -31.98 -2.11 -4.98
C GLY B 224 -31.27 -0.95 -4.32
N HIS B 225 -30.29 -0.36 -5.00
CA HIS B 225 -29.58 0.81 -4.52
C HIS B 225 -30.28 2.06 -5.03
N LYS B 226 -29.73 3.23 -4.71
CA LYS B 226 -30.33 4.49 -5.11
C LYS B 226 -29.35 5.23 -6.01
N ASN B 227 -29.77 5.50 -7.24
CA ASN B 227 -28.89 6.24 -8.16
C ASN B 227 -29.78 6.95 -9.18
N GLU B 228 -30.13 8.20 -8.86
CA GLU B 228 -30.97 9.00 -9.74
C GLU B 228 -30.32 10.32 -10.12
N LYS B 229 -29.15 10.64 -9.58
CA LYS B 229 -28.59 11.97 -9.76
C LYS B 229 -27.11 11.98 -10.12
N TYR B 230 -26.30 11.20 -9.42
CA TYR B 230 -24.86 11.33 -9.50
C TYR B 230 -24.24 10.27 -10.40
N CYS B 231 -23.08 10.60 -10.94
CA CYS B 231 -22.27 9.62 -11.67
C CYS B 231 -21.47 8.83 -10.65
N ILE B 232 -22.00 7.66 -10.30
CA ILE B 232 -21.44 6.79 -9.28
C ILE B 232 -20.71 5.66 -9.98
N PHE B 233 -19.44 5.46 -9.63
CA PHE B 233 -18.65 4.38 -10.20
C PHE B 233 -19.19 3.02 -9.78
N ALA B 234 -19.02 2.03 -10.67
CA ALA B 234 -19.29 0.64 -10.34
C ALA B 234 -18.08 -0.19 -10.74
N ASN B 235 -18.01 -1.40 -10.17
CA ASN B 235 -16.81 -2.22 -10.27
C ASN B 235 -17.16 -3.70 -10.37
N PHE B 236 -16.26 -4.43 -11.01
CA PHE B 236 -16.20 -5.88 -10.94
C PHE B 236 -15.16 -6.25 -9.88
N SER B 237 -15.51 -7.12 -8.94
CA SER B 237 -14.58 -7.57 -7.91
C SER B 237 -14.11 -8.96 -8.28
N VAL B 238 -12.79 -9.07 -8.52
CA VAL B 238 -12.15 -10.21 -9.16
C VAL B 238 -11.21 -10.96 -8.22
N THR B 239 -11.06 -10.51 -6.97
CA THR B 239 -10.07 -11.11 -6.08
C THR B 239 -10.59 -12.31 -5.32
N GLY B 240 -11.88 -12.33 -4.97
CA GLY B 240 -12.51 -13.45 -4.29
C GLY B 240 -13.75 -13.91 -5.03
N GLY B 241 -14.91 -13.85 -4.37
CA GLY B 241 -16.15 -14.13 -5.07
C GLY B 241 -16.42 -13.09 -6.14
N LYS B 242 -17.11 -13.49 -7.19
CA LYS B 242 -17.37 -12.59 -8.31
C LYS B 242 -18.48 -11.63 -7.90
N TRP B 243 -18.10 -10.39 -7.58
CA TRP B 243 -19.13 -9.43 -7.13
C TRP B 243 -19.21 -8.24 -8.06
N ILE B 244 -20.39 -7.58 -8.06
CA ILE B 244 -20.52 -6.21 -8.52
C ILE B 244 -20.54 -5.30 -7.30
N VAL B 245 -19.82 -4.18 -7.38
CA VAL B 245 -19.71 -3.24 -6.26
C VAL B 245 -20.07 -1.84 -6.76
N SER B 246 -20.92 -1.13 -6.02
CA SER B 246 -21.27 0.25 -6.38
C SER B 246 -21.57 1.09 -5.15
N GLY B 247 -21.33 2.40 -5.26
CA GLY B 247 -21.83 3.33 -4.29
C GLY B 247 -23.33 3.53 -4.48
N SER B 248 -23.90 4.41 -3.65
CA SER B 248 -25.34 4.63 -3.69
C SER B 248 -25.64 5.96 -3.02
N GLU B 249 -26.78 6.54 -3.40
CA GLU B 249 -27.23 7.83 -2.87
C GLU B 249 -27.96 7.71 -1.54
N ASP B 250 -28.08 6.51 -0.97
CA ASP B 250 -28.53 6.32 0.39
C ASP B 250 -27.37 6.09 1.36
N ASN B 251 -26.15 6.47 0.95
CA ASN B 251 -24.95 6.49 1.79
C ASN B 251 -24.37 5.11 2.05
N LEU B 252 -24.74 4.11 1.26
CA LEU B 252 -24.28 2.75 1.47
C LEU B 252 -23.45 2.28 0.30
N VAL B 253 -22.60 1.29 0.56
CA VAL B 253 -21.95 0.54 -0.52
C VAL B 253 -22.76 -0.72 -0.75
N TYR B 254 -23.12 -0.98 -2.01
CA TYR B 254 -23.86 -2.18 -2.37
C TYR B 254 -22.94 -3.18 -3.04
N ILE B 255 -23.13 -4.46 -2.70
CA ILE B 255 -22.38 -5.56 -3.28
C ILE B 255 -23.37 -6.63 -3.68
N TRP B 256 -23.32 -7.04 -4.96
CA TRP B 256 -24.22 -8.03 -5.55
C TRP B 256 -23.44 -9.24 -6.04
N ASN B 257 -24.15 -10.38 -6.03
CA ASN B 257 -23.68 -11.57 -6.72
C ASN B 257 -23.77 -11.37 -8.23
N LEU B 258 -22.65 -11.56 -8.93
CA LEU B 258 -22.62 -11.35 -10.38
C LEU B 258 -23.68 -12.20 -11.08
N GLN B 259 -23.81 -13.47 -10.69
CA GLN B 259 -24.65 -14.42 -11.42
C GLN B 259 -26.11 -14.31 -11.02
N THR B 260 -26.40 -14.27 -9.72
CA THR B 260 -27.77 -14.33 -9.25
C THR B 260 -28.43 -12.97 -9.12
N LYS B 261 -27.63 -11.89 -9.19
CA LYS B 261 -28.05 -10.50 -9.05
C LYS B 261 -28.52 -10.15 -7.64
N GLU B 262 -28.37 -11.08 -6.70
CA GLU B 262 -28.79 -10.80 -5.33
C GLU B 262 -27.84 -9.82 -4.64
N ILE B 263 -28.41 -8.91 -3.85
CA ILE B 263 -27.59 -8.10 -2.96
C ILE B 263 -27.02 -9.02 -1.88
N VAL B 264 -25.69 -9.08 -1.80
CA VAL B 264 -25.05 -9.93 -0.81
C VAL B 264 -24.47 -9.13 0.35
N GLN B 265 -24.22 -7.84 0.18
CA GLN B 265 -23.83 -7.05 1.34
C GLN B 265 -24.10 -5.58 1.09
N LYS B 266 -24.35 -4.84 2.18
CA LYS B 266 -24.47 -3.40 2.16
C LYS B 266 -23.59 -2.84 3.27
N LEU B 267 -22.65 -1.97 2.91
CA LEU B 267 -21.68 -1.43 3.84
C LEU B 267 -22.14 -0.08 4.35
N GLN B 268 -22.31 0.02 5.68
CA GLN B 268 -22.84 1.20 6.36
C GLN B 268 -21.72 1.94 7.09
N GLY B 269 -21.81 3.26 7.10
CA GLY B 269 -20.80 4.07 7.76
C GLY B 269 -20.69 5.48 7.22
N HIS B 270 -20.75 5.63 5.89
CA HIS B 270 -20.69 6.95 5.31
C HIS B 270 -21.93 7.78 5.68
N THR B 271 -21.76 9.09 5.69
CA THR B 271 -22.84 10.02 6.04
C THR B 271 -23.24 10.91 4.88
N ASP B 272 -22.96 10.48 3.65
CA ASP B 272 -23.38 11.18 2.45
C ASP B 272 -23.28 10.21 1.29
N VAL B 273 -23.80 10.62 0.13
CA VAL B 273 -23.76 9.82 -1.08
C VAL B 273 -22.39 9.19 -1.26
N VAL B 274 -22.35 7.87 -1.47
CA VAL B 274 -21.10 7.18 -1.80
C VAL B 274 -20.93 7.28 -3.32
N ILE B 275 -20.15 8.27 -3.73
CA ILE B 275 -20.02 8.56 -5.16
C ILE B 275 -18.99 7.68 -5.83
N SER B 276 -18.05 7.10 -5.09
CA SER B 276 -17.03 6.34 -5.79
C SER B 276 -16.63 5.12 -4.95
N THR B 277 -16.37 4.02 -5.65
CA THR B 277 -15.85 2.81 -5.05
C THR B 277 -14.78 2.26 -5.97
N ALA B 278 -13.81 1.58 -5.39
CA ALA B 278 -12.74 0.93 -6.13
C ALA B 278 -12.41 -0.40 -5.46
N CYS B 279 -12.08 -1.39 -6.27
CA CYS B 279 -11.74 -2.73 -5.79
C CYS B 279 -10.24 -2.98 -5.95
N HIS B 280 -9.60 -3.41 -4.86
CA HIS B 280 -8.16 -3.63 -4.87
C HIS B 280 -7.78 -4.75 -5.85
N PRO B 281 -6.64 -4.64 -6.54
CA PRO B 281 -6.32 -5.60 -7.62
C PRO B 281 -6.00 -7.02 -7.14
N THR B 282 -5.58 -7.23 -5.89
CA THR B 282 -5.21 -8.58 -5.47
C THR B 282 -5.82 -9.00 -4.14
N GLU B 283 -6.15 -8.05 -3.28
CA GLU B 283 -6.77 -8.33 -2.00
C GLU B 283 -8.27 -8.01 -2.05
N ASN B 284 -9.03 -8.67 -1.18
CA ASN B 284 -10.47 -8.36 -1.04
C ASN B 284 -10.60 -7.10 -0.21
N ILE B 285 -10.33 -5.97 -0.85
CA ILE B 285 -10.34 -4.66 -0.21
C ILE B 285 -11.13 -3.72 -1.10
N ILE B 286 -12.03 -2.96 -0.50
CA ILE B 286 -12.79 -1.94 -1.21
C ILE B 286 -12.42 -0.58 -0.63
N ALA B 287 -12.30 0.41 -1.50
CA ALA B 287 -12.25 1.81 -1.11
C ALA B 287 -13.55 2.46 -1.52
N SER B 288 -14.12 3.25 -0.62
CA SER B 288 -15.34 3.99 -0.89
C SER B 288 -15.12 5.46 -0.53
N ALA B 289 -15.87 6.34 -1.20
CA ALA B 289 -15.69 7.77 -1.01
C ALA B 289 -17.03 8.47 -1.21
N ALA B 290 -17.22 9.54 -0.42
CA ALA B 290 -18.51 10.20 -0.26
C ALA B 290 -18.44 11.71 -0.46
N LEU B 291 -19.62 12.31 -0.58
CA LEU B 291 -19.79 13.73 -0.84
C LEU B 291 -19.64 14.56 0.44
N GLU B 292 -19.96 15.85 0.37
CA GLU B 292 -19.38 16.85 1.26
C GLU B 292 -19.89 16.83 2.70
N ASN B 293 -20.98 16.14 3.03
CA ASN B 293 -21.30 16.02 4.45
C ASN B 293 -20.38 15.04 5.14
N ASP B 294 -19.60 14.29 4.36
CA ASP B 294 -18.74 13.23 4.85
C ASP B 294 -17.29 13.55 4.50
N LYS B 295 -16.96 13.62 3.21
CA LYS B 295 -15.64 13.98 2.70
C LYS B 295 -14.55 12.98 3.03
N THR B 296 -14.90 11.79 3.51
CA THR B 296 -13.90 10.78 3.82
C THR B 296 -13.90 9.65 2.81
N ILE B 297 -12.78 8.92 2.82
CA ILE B 297 -12.61 7.65 2.14
C ILE B 297 -12.57 6.57 3.21
N LYS B 298 -13.27 5.47 2.97
CA LYS B 298 -13.22 4.33 3.86
C LYS B 298 -12.62 3.11 3.16
N LEU B 299 -11.79 2.37 3.89
CA LEU B 299 -11.22 1.13 3.41
C LEU B 299 -11.85 -0.04 4.14
N TRP B 300 -12.24 -1.07 3.40
CA TRP B 300 -12.97 -2.21 3.92
C TRP B 300 -12.28 -3.50 3.48
N LYS B 301 -12.32 -4.52 4.35
CA LYS B 301 -11.65 -5.78 4.09
C LYS B 301 -12.57 -6.97 4.34
N SER B 302 -12.50 -7.95 3.43
CA SER B 302 -13.33 -9.15 3.47
C SER B 302 -12.47 -10.39 3.33
N ASP B 303 -12.99 -11.52 3.80
CA ASP B 303 -12.29 -12.79 3.64
C ASP B 303 -12.54 -13.45 2.29
N CYS B 304 -13.54 -12.99 1.55
CA CYS B 304 -13.88 -13.54 0.25
C CYS B 304 -14.56 -12.47 -0.59
#